data_4RNZ
#
_entry.id   4RNZ
#
_cell.length_a   91.469
_cell.length_b   91.469
_cell.length_c   186.963
_cell.angle_alpha   90.00
_cell.angle_beta   90.00
_cell.angle_gamma   120.00
#
_symmetry.space_group_name_H-M   'P 65 2 2'
#
loop_
_entity.id
_entity.type
_entity.pdbx_description
1 polymer 'Conserved hypothetical secreted protein'
2 non-polymer 'ZINC ION'
3 non-polymer 'NICKEL (II) ION'
4 non-polymer 'PHOSPHATE ION'
5 non-polymer GLYCEROL
6 water water
#
_entity_poly.entity_id   1
_entity_poly.type   'polypeptide(L)'
_entity_poly.pdbx_seq_one_letter_code
;MERLVWDKLTLLGFLEKNHIPQKLYYNLSSQDKELSAEIQSNVTYYTLRDANNTLIQALIPISQDLQIHIYKKGEDYFLD
FIPIIFTRKEKTLLLSLQTSPYQDIIKATNDPLLANQLMNAYKKSVPFKRLVKNDKIAIVYTRDYRVGQAFGQPTIKMAM
VSSRSNQYYLFSHSNGHYYDSKAQEVAGFLLETPVKYTRISSPFSYGRFHPVLKVRRPHYGVDYAAKHGSLIHSASDGRV
GFMGVKAGYGKVVEIHLNELRLVYAHMSAFANGLKKGSFVKKGQIIGRVGSTGLSTGPHLHFGVYKNSRPINPLGYIRTA
KSKLHGKQREVFLEKAQRSKQKLEELLKTHSFEKNSFYLLEGFLEHHHHHH
;
_entity_poly.pdbx_strand_id   A
#
loop_
_chem_comp.id
_chem_comp.type
_chem_comp.name
_chem_comp.formula
GOL non-polymer GLYCEROL 'C3 H8 O3'
NI non-polymer 'NICKEL (II) ION' 'Ni 2'
PO4 non-polymer 'PHOSPHATE ION' 'O4 P -3'
ZN non-polymer 'ZINC ION' 'Zn 2'
#
# COMPACT_ATOMS: atom_id res chain seq x y z
N MET A 1 -10.24 10.15 22.58
CA MET A 1 -10.76 8.84 22.11
C MET A 1 -9.79 7.75 22.53
N GLU A 2 -10.27 6.52 22.61
CA GLU A 2 -9.42 5.37 22.87
C GLU A 2 -8.81 4.90 21.55
N ARG A 3 -7.50 4.67 21.59
CA ARG A 3 -6.73 4.17 20.44
C ARG A 3 -6.55 2.68 20.57
N LEU A 4 -7.04 1.93 19.58
CA LEU A 4 -7.13 0.51 19.64
C LEU A 4 -6.64 -0.11 18.34
N VAL A 5 -6.45 -1.42 18.37
CA VAL A 5 -5.97 -2.16 17.23
C VAL A 5 -7.02 -3.10 16.74
N TRP A 6 -7.31 -3.03 15.45
CA TRP A 6 -8.36 -3.88 14.90
C TRP A 6 -7.82 -5.30 14.85
N ASP A 7 -8.69 -6.26 15.05
CA ASP A 7 -8.24 -7.63 15.05
C ASP A 7 -8.83 -8.43 13.92
N LYS A 8 -10.05 -8.90 14.04
CA LYS A 8 -10.61 -9.83 13.06
C LYS A 8 -12.05 -9.47 12.70
N LEU A 9 -12.66 -8.52 13.40
CA LEU A 9 -14.04 -8.15 13.06
C LEU A 9 -14.24 -7.62 11.63
N THR A 10 -15.43 -7.82 11.08
CA THR A 10 -15.89 -7.09 9.91
C THR A 10 -16.60 -5.82 10.40
N LEU A 11 -16.97 -4.92 9.49
CA LEU A 11 -17.74 -3.75 9.90
C LEU A 11 -19.01 -4.26 10.57
N LEU A 12 -19.68 -5.23 9.94
CA LEU A 12 -20.95 -5.74 10.45
C LEU A 12 -20.78 -6.36 11.84
N GLY A 13 -19.73 -7.16 12.00
CA GLY A 13 -19.41 -7.72 13.29
C GLY A 13 -19.16 -6.62 14.31
N PHE A 14 -18.51 -5.53 13.90
CA PHE A 14 -18.27 -4.42 14.82
C PHE A 14 -19.61 -3.75 15.22
N LEU A 15 -20.50 -3.59 14.25
CA LEU A 15 -21.79 -2.98 14.54
C LEU A 15 -22.57 -3.83 15.54
N GLU A 16 -22.64 -5.12 15.25
CA GLU A 16 -23.29 -6.14 16.13
C GLU A 16 -22.71 -6.13 17.53
N LYS A 17 -21.39 -6.19 17.65
CA LYS A 17 -20.74 -6.21 18.97
C LYS A 17 -21.05 -4.99 19.80
N ASN A 18 -21.27 -3.87 19.16
CA ASN A 18 -21.55 -2.62 19.84
C ASN A 18 -23.00 -2.21 19.78
N HIS A 19 -23.89 -3.12 19.38
CA HIS A 19 -25.33 -2.89 19.44
C HIS A 19 -25.75 -1.68 18.62
N ILE A 20 -25.15 -1.53 17.45
CA ILE A 20 -25.52 -0.50 16.49
C ILE A 20 -26.37 -1.20 15.45
N PRO A 21 -27.53 -0.63 15.10
CA PRO A 21 -28.37 -1.32 14.11
C PRO A 21 -27.62 -1.66 12.83
N GLN A 22 -27.74 -2.91 12.41
CA GLN A 22 -26.98 -3.42 11.31
C GLN A 22 -27.41 -2.88 9.96
N LYS A 23 -28.60 -2.27 9.90
CA LYS A 23 -29.03 -1.59 8.66
C LYS A 23 -28.10 -0.48 8.27
N LEU A 24 -27.37 0.05 9.25
CA LEU A 24 -26.33 1.03 8.96
C LEU A 24 -25.35 0.48 7.90
N TYR A 25 -25.03 -0.80 7.97
CA TYR A 25 -24.31 -1.48 6.89
C TYR A 25 -25.20 -1.89 5.70
N TYR A 26 -26.29 -2.59 5.97
CA TYR A 26 -27.10 -3.18 4.89
C TYR A 26 -27.61 -2.12 3.93
N ASN A 27 -27.96 -0.94 4.45
CA ASN A 27 -28.39 0.18 3.62
C ASN A 27 -27.33 0.81 2.75
N LEU A 28 -26.06 0.50 2.96
CA LEU A 28 -25.02 1.09 2.14
C LEU A 28 -25.18 0.67 0.70
N SER A 29 -24.80 1.55 -0.22
CA SER A 29 -24.72 1.23 -1.63
C SER A 29 -23.70 0.12 -1.78
N SER A 30 -23.72 -0.57 -2.92
CA SER A 30 -22.77 -1.66 -3.10
C SER A 30 -21.34 -1.13 -3.22
N GLN A 31 -21.20 0.08 -3.75
CA GLN A 31 -19.90 0.76 -3.81
C GLN A 31 -19.38 1.04 -2.39
N ASP A 32 -20.24 1.57 -1.53
CA ASP A 32 -19.84 1.79 -0.13
C ASP A 32 -19.59 0.47 0.63
N LYS A 33 -20.35 -0.58 0.35
CA LYS A 33 -20.04 -1.89 0.92
C LYS A 33 -18.65 -2.38 0.51
N GLU A 34 -18.29 -2.26 -0.76
CA GLU A 34 -16.96 -2.66 -1.20
C GLU A 34 -15.89 -1.88 -0.41
N LEU A 35 -16.13 -0.59 -0.24
CA LEU A 35 -15.23 0.30 0.48
C LEU A 35 -15.03 -0.22 1.93
N SER A 36 -16.15 -0.59 2.57
CA SER A 36 -16.15 -1.09 3.92
C SER A 36 -15.47 -2.42 4.11
N ALA A 37 -15.29 -3.20 3.05
CA ALA A 37 -14.64 -4.49 3.16
C ALA A 37 -13.12 -4.40 3.32
N GLU A 38 -12.55 -3.20 3.22
CA GLU A 38 -11.09 -3.07 3.29
C GLU A 38 -10.53 -2.61 4.63
N ILE A 39 -11.24 -2.88 5.71
CA ILE A 39 -10.71 -2.64 7.04
C ILE A 39 -9.68 -3.74 7.28
N GLN A 40 -8.42 -3.39 7.41
CA GLN A 40 -7.39 -4.42 7.59
C GLN A 40 -7.17 -4.75 9.05
N SER A 41 -6.86 -6.01 9.31
CA SER A 41 -6.52 -6.38 10.67
C SER A 41 -5.26 -5.61 11.07
N ASN A 42 -5.11 -5.36 12.35
CA ASN A 42 -3.99 -4.55 12.82
C ASN A 42 -3.98 -3.06 12.53
N VAL A 43 -4.95 -2.52 11.79
CA VAL A 43 -5.04 -1.07 11.72
C VAL A 43 -5.42 -0.48 13.07
N THR A 44 -4.89 0.70 13.36
CA THR A 44 -5.22 1.39 14.57
C THR A 44 -6.51 2.19 14.33
N TYR A 45 -7.47 2.07 15.23
CA TYR A 45 -8.73 2.79 15.08
C TYR A 45 -9.03 3.48 16.39
N TYR A 46 -10.07 4.30 16.37
CA TYR A 46 -10.39 5.17 17.49
C TYR A 46 -11.86 5.08 17.83
N THR A 47 -12.15 5.02 19.12
CA THR A 47 -13.52 4.99 19.61
C THR A 47 -13.74 5.97 20.76
N LEU A 48 -15.00 6.39 20.90
CA LEU A 48 -15.44 7.24 22.00
C LEU A 48 -16.73 6.65 22.51
N ARG A 49 -16.80 6.47 23.83
CA ARG A 49 -17.97 5.88 24.47
C ARG A 49 -18.53 6.86 25.51
N ASP A 50 -19.84 6.81 25.80
CA ASP A 50 -20.43 7.65 26.86
C ASP A 50 -20.26 6.99 28.23
N ALA A 51 -20.88 7.57 29.26
CA ALA A 51 -20.82 7.03 30.62
C ALA A 51 -21.29 5.58 30.70
N ASN A 52 -22.36 5.28 29.99
CA ASN A 52 -22.86 3.91 29.87
C ASN A 52 -22.00 2.94 29.07
N ASN A 53 -20.83 3.38 28.62
CA ASN A 53 -19.98 2.58 27.73
C ASN A 53 -20.64 2.31 26.36
N THR A 54 -21.56 3.19 25.96
CA THR A 54 -22.17 3.05 24.66
C THR A 54 -21.25 3.69 23.64
N LEU A 55 -21.03 2.99 22.53
CA LEU A 55 -20.25 3.54 21.45
C LEU A 55 -20.99 4.71 20.85
N ILE A 56 -20.39 5.91 20.93
CA ILE A 56 -21.00 7.08 20.32
C ILE A 56 -20.21 7.62 19.12
N GLN A 57 -18.95 7.22 18.98
CA GLN A 57 -18.15 7.55 17.80
C GLN A 57 -17.07 6.52 17.54
N ALA A 58 -16.76 6.35 16.26
CA ALA A 58 -15.62 5.55 15.84
C ALA A 58 -15.02 6.08 14.55
N LEU A 59 -13.69 6.00 14.50
CA LEU A 59 -12.93 6.36 13.32
C LEU A 59 -12.09 5.13 12.97
N ILE A 60 -12.38 4.55 11.82
CA ILE A 60 -11.81 3.27 11.38
C ILE A 60 -11.21 3.45 9.98
N PRO A 61 -9.88 3.39 9.87
CA PRO A 61 -9.28 3.68 8.58
C PRO A 61 -9.55 2.57 7.59
N ILE A 62 -9.85 2.93 6.34
CA ILE A 62 -9.96 1.96 5.26
C ILE A 62 -8.84 2.11 4.22
N SER A 63 -8.10 3.22 4.25
CA SER A 63 -6.90 3.39 3.43
C SER A 63 -6.00 4.34 4.19
N GLN A 64 -4.94 4.81 3.54
CA GLN A 64 -4.05 5.78 4.17
C GLN A 64 -4.67 7.17 4.25
N ASP A 65 -5.70 7.44 3.46
CA ASP A 65 -6.34 8.74 3.57
C ASP A 65 -7.86 8.76 3.64
N LEU A 66 -8.48 7.60 3.83
CA LEU A 66 -9.93 7.52 4.00
C LEU A 66 -10.29 6.66 5.19
N GLN A 67 -11.32 7.09 5.93
CA GLN A 67 -11.77 6.36 7.11
C GLN A 67 -13.29 6.35 7.23
N ILE A 68 -13.77 5.33 7.91
CA ILE A 68 -15.19 5.27 8.25
C ILE A 68 -15.37 6.08 9.52
N HIS A 69 -16.33 7.00 9.50
CA HIS A 69 -16.76 7.70 10.70
C HIS A 69 -18.17 7.26 11.07
N ILE A 70 -18.31 6.57 12.20
CA ILE A 70 -19.60 6.19 12.76
C ILE A 70 -19.88 7.10 13.92
N TYR A 71 -21.07 7.69 13.95
CA TYR A 71 -21.42 8.57 15.07
C TYR A 71 -22.90 8.52 15.34
N LYS A 72 -23.23 8.64 16.61
CA LYS A 72 -24.61 8.70 17.06
C LYS A 72 -25.05 10.17 17.08
N LYS A 73 -26.11 10.50 16.36
CA LYS A 73 -26.70 11.85 16.44
C LYS A 73 -28.19 11.74 16.79
N GLY A 74 -28.57 12.37 17.90
CA GLY A 74 -29.88 12.19 18.47
C GLY A 74 -30.07 10.72 18.76
N GLU A 75 -31.10 10.13 18.18
CA GLU A 75 -31.45 8.74 18.45
C GLU A 75 -30.88 7.77 17.42
N ASP A 76 -30.11 8.26 16.45
CA ASP A 76 -29.71 7.44 15.31
C ASP A 76 -28.20 7.45 15.09
N TYR A 77 -27.73 6.37 14.48
CA TYR A 77 -26.33 6.24 14.11
C TYR A 77 -26.22 6.57 12.64
N PHE A 78 -25.06 7.10 12.29
CA PHE A 78 -24.78 7.48 10.91
C PHE A 78 -23.40 6.94 10.52
N LEU A 79 -23.15 6.79 9.23
CA LEU A 79 -21.85 6.31 8.79
C LEU A 79 -21.42 7.12 7.60
N ASP A 80 -20.28 7.81 7.75
CA ASP A 80 -19.71 8.58 6.65
C ASP A 80 -18.34 7.99 6.33
N PHE A 81 -17.91 8.21 5.09
CA PHE A 81 -16.55 7.92 4.67
C PHE A 81 -15.88 9.27 4.57
N ILE A 82 -14.86 9.50 5.38
CA ILE A 82 -14.26 10.83 5.46
C ILE A 82 -12.74 10.80 5.31
N PRO A 83 -12.12 11.96 4.99
CA PRO A 83 -10.65 12.04 4.95
C PRO A 83 -10.01 11.80 6.31
N ILE A 84 -8.79 11.28 6.30
CA ILE A 84 -7.92 11.16 7.45
C ILE A 84 -6.99 12.37 7.45
N ILE A 85 -6.97 13.07 8.58
CA ILE A 85 -6.07 14.20 8.75
C ILE A 85 -4.78 13.66 9.36
N PHE A 86 -3.66 13.98 8.71
CA PHE A 86 -2.38 13.47 9.17
C PHE A 86 -1.24 14.43 8.92
N THR A 87 -0.17 14.22 9.67
CA THR A 87 1.07 14.95 9.51
C THR A 87 2.12 14.02 8.90
N ARG A 88 2.97 14.56 8.03
CA ARG A 88 3.98 13.75 7.35
C ARG A 88 5.37 14.20 7.78
N LYS A 89 6.22 13.28 8.24
CA LYS A 89 7.62 13.59 8.56
C LYS A 89 8.56 12.92 7.55
N GLU A 90 9.59 13.64 7.13
CA GLU A 90 10.61 13.12 6.22
C GLU A 90 11.91 12.93 6.98
N LYS A 91 12.57 11.80 6.72
CA LYS A 91 13.87 11.48 7.29
C LYS A 91 14.83 10.99 6.22
N THR A 92 16.12 11.12 6.51
CA THR A 92 17.16 10.51 5.69
C THR A 92 18.00 9.55 6.49
N LEU A 93 17.94 8.28 6.10
CA LEU A 93 18.82 7.27 6.63
C LEU A 93 20.09 7.21 5.78
N LEU A 94 21.23 7.38 6.42
CA LEU A 94 22.53 7.11 5.82
C LEU A 94 23.21 5.95 6.55
N LEU A 95 23.69 4.98 5.80
CA LEU A 95 24.15 3.77 6.44
C LEU A 95 25.41 3.23 5.76
N SER A 96 26.38 2.80 6.56
CA SER A 96 27.53 2.03 6.06
C SER A 96 27.31 0.59 6.49
N LEU A 97 27.22 -0.34 5.55
CA LEU A 97 26.90 -1.72 5.88
C LEU A 97 27.91 -2.39 6.87
N GLN A 98 27.38 -2.95 7.95
CA GLN A 98 28.17 -3.63 8.98
C GLN A 98 27.85 -5.12 8.99
N THR A 99 26.56 -5.46 8.94
CA THR A 99 26.12 -6.85 8.93
C THR A 99 25.39 -7.34 7.67
N SER A 100 24.08 -7.09 7.56
CA SER A 100 23.33 -7.32 6.32
C SER A 100 22.53 -6.05 6.14
N PRO A 101 22.05 -5.76 4.91
CA PRO A 101 21.19 -4.58 4.72
C PRO A 101 20.01 -4.60 5.68
N TYR A 102 19.37 -5.77 5.81
CA TYR A 102 18.15 -5.86 6.62
C TYR A 102 18.41 -5.59 8.10
N GLN A 103 19.41 -6.22 8.65
CA GLN A 103 19.71 -6.07 10.06
C GLN A 103 20.13 -4.63 10.39
N ASP A 104 20.98 -4.07 9.55
CA ASP A 104 21.44 -2.71 9.73
C ASP A 104 20.31 -1.67 9.69
N ILE A 105 19.38 -1.81 8.74
CA ILE A 105 18.24 -0.90 8.69
C ILE A 105 17.43 -1.00 9.97
N ILE A 106 17.23 -2.21 10.46
CA ILE A 106 16.48 -2.38 11.72
C ILE A 106 17.25 -1.74 12.87
N LYS A 107 18.56 -1.92 12.90
CA LYS A 107 19.35 -1.30 13.96
C LYS A 107 19.13 0.20 13.99
N ALA A 108 19.14 0.84 12.82
CA ALA A 108 19.04 2.30 12.73
C ALA A 108 17.64 2.89 12.83
N THR A 109 16.61 2.10 12.53
CA THR A 109 15.23 2.64 12.48
C THR A 109 14.21 1.90 13.33
N ASN A 110 14.59 0.71 13.79
CA ASN A 110 13.68 -0.23 14.40
C ASN A 110 12.40 -0.45 13.58
N ASP A 111 12.51 -0.42 12.25
CA ASP A 111 11.35 -0.51 11.39
C ASP A 111 11.42 -1.57 10.29
N PRO A 112 10.85 -2.74 10.55
CA PRO A 112 10.73 -3.81 9.58
C PRO A 112 9.99 -3.42 8.30
N LEU A 113 9.04 -2.49 8.40
CA LEU A 113 8.26 -2.09 7.23
C LEU A 113 9.17 -1.42 6.20
N LEU A 114 10.00 -0.48 6.65
CA LEU A 114 10.95 0.22 5.79
C LEU A 114 11.95 -0.76 5.21
N ALA A 115 12.45 -1.66 6.06
CA ALA A 115 13.46 -2.64 5.64
C ALA A 115 12.88 -3.53 4.55
N ASN A 116 11.65 -4.01 4.73
CA ASN A 116 10.98 -4.84 3.72
C ASN A 116 10.75 -4.11 2.40
N GLN A 117 10.36 -2.83 2.49
CA GLN A 117 10.20 -2.01 1.31
C GLN A 117 11.50 -1.87 0.53
N LEU A 118 12.61 -1.69 1.23
CA LEU A 118 13.92 -1.63 0.52
C LEU A 118 14.30 -2.95 -0.15
N MET A 119 14.14 -4.07 0.55
CA MET A 119 14.47 -5.37 -0.01
C MET A 119 13.64 -5.56 -1.28
N ASN A 120 12.36 -5.24 -1.19
CA ASN A 120 11.46 -5.39 -2.32
C ASN A 120 11.78 -4.47 -3.49
N ALA A 121 12.15 -3.23 -3.20
CA ALA A 121 12.50 -2.25 -4.21
C ALA A 121 13.73 -2.67 -5.00
N TYR A 122 14.65 -3.35 -4.33
CA TYR A 122 15.90 -3.81 -4.96
C TYR A 122 15.88 -5.32 -5.23
N LYS A 123 14.70 -5.93 -5.31
CA LYS A 123 14.65 -7.39 -5.36
C LYS A 123 15.38 -8.00 -6.56
N LYS A 124 15.36 -7.32 -7.71
CA LYS A 124 16.06 -7.85 -8.89
C LYS A 124 17.42 -7.20 -9.12
N SER A 125 17.90 -6.44 -8.15
CA SER A 125 19.09 -5.64 -8.34
C SER A 125 20.32 -6.52 -8.10
N VAL A 126 21.13 -6.69 -9.14
CA VAL A 126 22.36 -7.48 -9.03
C VAL A 126 23.37 -6.79 -8.09
N PRO A 127 23.60 -5.47 -8.26
CA PRO A 127 24.47 -4.81 -7.27
C PRO A 127 23.98 -4.93 -5.83
N PHE A 128 22.65 -4.93 -5.62
CA PHE A 128 22.11 -5.05 -4.28
C PHE A 128 22.52 -6.36 -3.62
N LYS A 129 22.34 -7.47 -4.33
CA LYS A 129 22.67 -8.81 -3.79
C LYS A 129 24.16 -8.96 -3.48
N ARG A 130 24.98 -8.15 -4.14
CA ARG A 130 26.44 -8.15 -3.96
C ARG A 130 26.98 -7.07 -3.02
N LEU A 131 26.11 -6.52 -2.17
CA LEU A 131 26.59 -5.51 -1.23
C LEU A 131 27.45 -6.19 -0.17
N VAL A 132 28.54 -5.54 0.19
CA VAL A 132 29.46 -6.04 1.21
C VAL A 132 29.80 -4.94 2.22
N LYS A 133 30.45 -5.35 3.30
CA LYS A 133 30.78 -4.45 4.39
C LYS A 133 31.32 -3.12 3.89
N ASN A 134 30.88 -2.05 4.55
CA ASN A 134 31.23 -0.68 4.18
C ASN A 134 30.62 -0.14 2.87
N ASP A 135 29.81 -0.93 2.17
CA ASP A 135 29.00 -0.36 1.10
C ASP A 135 27.92 0.55 1.70
N LYS A 136 27.47 1.53 0.95
CA LYS A 136 26.53 2.51 1.48
C LYS A 136 25.07 2.22 1.06
N ILE A 137 24.16 2.53 1.98
CA ILE A 137 22.71 2.53 1.71
C ILE A 137 22.15 3.87 2.27
N ALA A 138 21.44 4.61 1.42
CA ALA A 138 20.73 5.79 1.81
C ALA A 138 19.24 5.62 1.48
N ILE A 139 18.37 6.07 2.38
CA ILE A 139 16.93 6.10 2.11
C ILE A 139 16.37 7.43 2.58
N VAL A 140 15.71 8.16 1.70
CA VAL A 140 14.91 9.28 2.10
C VAL A 140 13.47 8.80 2.11
N TYR A 141 12.82 8.89 3.27
CA TYR A 141 11.45 8.36 3.36
C TYR A 141 10.58 9.22 4.24
N THR A 142 9.28 9.13 3.97
CA THR A 142 8.29 9.80 4.79
C THR A 142 7.44 8.79 5.52
N ARG A 143 6.85 9.27 6.61
CA ARG A 143 5.94 8.46 7.42
C ARG A 143 4.77 9.38 7.77
N ASP A 144 3.56 8.83 7.89
CA ASP A 144 2.38 9.65 8.19
C ASP A 144 1.98 9.44 9.66
N TYR A 145 1.55 10.51 10.31
CA TYR A 145 1.27 10.49 11.76
C TYR A 145 -0.10 11.07 12.07
N ARG A 146 -0.77 10.45 13.04
CA ARG A 146 -2.04 10.95 13.58
C ARG A 146 -1.87 11.11 15.06
N VAL A 147 -2.16 12.31 15.51
CA VAL A 147 -1.83 12.78 16.87
C VAL A 147 -0.54 12.17 17.41
N GLY A 148 0.52 12.40 16.66
CA GLY A 148 1.86 12.04 17.07
C GLY A 148 2.26 10.62 16.76
N GLN A 149 1.33 9.82 16.25
CA GLN A 149 1.51 8.39 16.17
C GLN A 149 1.58 7.93 14.71
N ALA A 150 2.66 7.25 14.35
CA ALA A 150 2.80 6.81 12.97
C ALA A 150 1.74 5.77 12.66
N PHE A 151 1.25 5.77 11.44
CA PHE A 151 0.31 4.74 11.01
C PHE A 151 0.58 4.36 9.57
N GLY A 152 0.05 3.21 9.17
CA GLY A 152 0.20 2.75 7.80
C GLY A 152 1.66 2.36 7.58
N GLN A 153 2.19 2.62 6.41
CA GLN A 153 3.55 2.22 6.11
C GLN A 153 4.29 3.46 5.67
N PRO A 154 5.62 3.40 5.71
CA PRO A 154 6.38 4.52 5.18
C PRO A 154 6.34 4.55 3.66
N THR A 155 6.83 5.65 3.11
CA THR A 155 6.96 5.81 1.71
C THR A 155 8.41 6.19 1.40
N ILE A 156 9.07 5.39 0.56
CA ILE A 156 10.43 5.72 0.11
C ILE A 156 10.38 6.72 -1.02
N LYS A 157 10.98 7.89 -0.81
CA LYS A 157 11.05 8.90 -1.85
C LYS A 157 12.28 8.73 -2.74
N MET A 158 13.39 8.37 -2.11
CA MET A 158 14.64 8.08 -2.81
C MET A 158 15.42 7.02 -2.05
N ALA A 159 16.07 6.13 -2.80
CA ALA A 159 17.03 5.25 -2.20
C ALA A 159 18.27 5.15 -3.07
N MET A 160 19.37 4.78 -2.45
CA MET A 160 20.66 4.62 -3.13
C MET A 160 21.46 3.53 -2.41
N VAL A 161 22.00 2.61 -3.20
CA VAL A 161 22.98 1.66 -2.68
C VAL A 161 24.23 1.80 -3.58
N SER A 162 25.40 1.74 -2.95
CA SER A 162 26.69 1.86 -3.66
C SER A 162 27.40 0.54 -3.57
N SER A 163 28.00 0.15 -4.68
CA SER A 163 28.76 -1.09 -4.77
C SER A 163 29.89 -0.83 -5.77
N ARG A 164 31.13 -1.08 -5.35
CA ARG A 164 32.29 -0.86 -6.21
C ARG A 164 32.31 0.59 -6.70
N SER A 165 32.08 1.51 -5.78
CA SER A 165 31.99 2.96 -6.05
C SER A 165 30.84 3.41 -6.98
N ASN A 166 30.07 2.48 -7.54
CA ASN A 166 28.92 2.84 -8.37
C ASN A 166 27.65 2.95 -7.52
N GLN A 167 26.82 3.96 -7.82
CA GLN A 167 25.63 4.25 -7.04
C GLN A 167 24.36 3.97 -7.84
N TYR A 168 23.42 3.25 -7.21
CA TYR A 168 22.22 2.73 -7.85
C TYR A 168 21.02 3.34 -7.15
N TYR A 169 20.40 4.26 -7.87
CA TYR A 169 19.34 5.10 -7.33
C TYR A 169 17.97 4.62 -7.72
N LEU A 170 17.02 4.84 -6.83
CA LEU A 170 15.65 4.82 -7.27
C LEU A 170 14.83 5.89 -6.56
N PHE A 171 13.75 6.28 -7.21
CA PHE A 171 12.96 7.42 -6.80
C PHE A 171 11.50 7.06 -6.97
N SER A 172 10.68 7.50 -6.04
CA SER A 172 9.25 7.37 -6.15
C SER A 172 8.75 8.48 -7.01
N HIS A 173 7.52 8.30 -7.45
CA HIS A 173 6.77 9.31 -8.18
C HIS A 173 5.38 9.35 -7.54
N SER A 174 4.67 10.45 -7.75
CA SER A 174 3.31 10.59 -7.23
C SER A 174 2.34 9.49 -7.74
N ASN A 175 2.61 8.95 -8.93
CA ASN A 175 1.84 7.80 -9.46
C ASN A 175 2.02 6.46 -8.72
N GLY A 176 2.92 6.40 -7.73
CA GLY A 176 3.10 5.19 -6.90
C GLY A 176 4.15 4.19 -7.37
N HIS A 177 4.68 4.38 -8.58
CA HIS A 177 5.74 3.54 -9.13
C HIS A 177 7.14 4.11 -8.84
N TYR A 178 8.17 3.27 -8.94
CA TYR A 178 9.58 3.65 -8.73
C TYR A 178 10.28 3.83 -10.07
N TYR A 179 11.18 4.78 -10.10
CA TYR A 179 11.88 5.11 -11.29
C TYR A 179 13.35 5.23 -11.03
N ASP A 180 14.12 4.83 -12.02
CA ASP A 180 15.51 5.08 -11.94
C ASP A 180 15.76 6.48 -12.28
N SER A 181 17.06 6.81 -12.31
CA SER A 181 17.51 8.18 -12.60
C SER A 181 17.42 8.62 -14.05
N LYS A 182 17.08 7.71 -14.93
CA LYS A 182 16.76 8.07 -16.27
C LYS A 182 15.28 8.10 -16.45
N ALA A 183 14.55 8.16 -15.34
CA ALA A 183 13.11 8.16 -15.35
C ALA A 183 12.47 6.99 -16.04
N GLN A 184 13.11 5.86 -15.99
CA GLN A 184 12.47 4.62 -16.42
C GLN A 184 12.15 3.72 -15.21
N GLU A 185 11.07 2.96 -15.30
CA GLU A 185 10.55 2.25 -14.13
C GLU A 185 11.48 1.14 -13.65
N VAL A 186 11.57 0.98 -12.35
CA VAL A 186 12.31 -0.12 -11.76
C VAL A 186 11.45 -0.79 -10.73
N ALA A 187 11.76 -2.06 -10.47
CA ALA A 187 11.06 -2.85 -9.49
C ALA A 187 9.55 -2.94 -9.82
N GLY A 188 9.22 -2.93 -11.11
CA GLY A 188 7.83 -2.99 -11.53
C GLY A 188 7.28 -4.41 -11.48
N PHE A 189 6.04 -4.55 -11.94
CA PHE A 189 5.35 -5.82 -12.05
C PHE A 189 4.63 -5.74 -13.38
N LEU A 190 4.61 -6.83 -14.14
CA LEU A 190 3.85 -6.85 -15.39
C LEU A 190 2.63 -7.68 -15.07
N LEU A 191 1.53 -7.02 -14.76
CA LEU A 191 0.30 -7.69 -14.46
C LEU A 191 -0.51 -7.92 -15.73
N GLU A 192 -1.34 -8.96 -15.72
CA GLU A 192 -2.21 -9.28 -16.86
C GLU A 192 -3.64 -9.10 -16.41
N THR A 193 -4.47 -8.60 -17.32
CA THR A 193 -5.87 -8.48 -17.07
C THR A 193 -6.43 -9.87 -16.72
N PRO A 194 -7.14 -9.98 -15.57
CA PRO A 194 -7.47 -11.29 -14.99
C PRO A 194 -8.77 -11.91 -15.46
N VAL A 195 -9.50 -11.25 -16.35
CA VAL A 195 -10.83 -11.73 -16.77
C VAL A 195 -11.15 -11.17 -18.15
N LYS A 196 -12.03 -11.85 -18.89
CA LYS A 196 -12.52 -11.30 -20.14
C LYS A 196 -13.70 -10.41 -19.80
N TYR A 197 -13.51 -9.11 -19.87
CA TYR A 197 -14.57 -8.19 -19.47
C TYR A 197 -15.27 -7.63 -20.69
N THR A 198 -16.52 -7.23 -20.51
CA THR A 198 -17.29 -6.58 -21.56
C THR A 198 -17.03 -5.08 -21.53
N ARG A 199 -16.95 -4.51 -20.33
CA ARG A 199 -16.45 -3.16 -20.16
C ARG A 199 -15.98 -2.98 -18.71
N ILE A 200 -15.17 -1.97 -18.47
CA ILE A 200 -14.82 -1.58 -17.11
C ILE A 200 -16.00 -0.75 -16.61
N SER A 201 -16.77 -1.27 -15.65
CA SER A 201 -17.94 -0.53 -15.15
C SER A 201 -17.58 0.54 -14.11
N SER A 202 -16.39 0.45 -13.53
CA SER A 202 -15.97 1.47 -12.59
C SER A 202 -14.46 1.40 -12.42
N PRO A 203 -13.75 2.46 -12.85
CA PRO A 203 -12.31 2.41 -12.71
C PRO A 203 -11.85 2.73 -11.29
N PHE A 204 -10.55 2.67 -11.09
CA PHE A 204 -9.94 3.04 -9.83
C PHE A 204 -10.08 4.51 -9.63
N SER A 205 -10.38 4.93 -8.41
CA SER A 205 -10.40 6.35 -8.06
C SER A 205 -10.01 6.60 -6.59
N TYR A 206 -9.12 7.56 -6.39
CA TYR A 206 -8.84 8.08 -5.04
C TYR A 206 -10.00 8.90 -4.50
N GLY A 207 -10.83 9.43 -5.39
CA GLY A 207 -11.96 10.27 -5.01
C GLY A 207 -11.56 11.69 -4.61
N ARG A 208 -10.35 12.13 -5.00
CA ARG A 208 -9.77 13.39 -4.49
C ARG A 208 -10.34 14.67 -5.14
N PHE A 209 -10.50 15.73 -4.35
CA PHE A 209 -11.14 16.99 -4.79
C PHE A 209 -10.37 17.66 -5.95
N HIS A 210 -11.10 18.42 -6.77
CA HIS A 210 -10.55 19.16 -7.92
C HIS A 210 -11.27 20.50 -8.05
N ARG A 217 -17.05 8.92 -4.24
CA ARG A 217 -16.27 8.64 -5.46
C ARG A 217 -15.07 7.68 -5.30
N PRO A 218 -14.56 7.42 -4.07
CA PRO A 218 -13.34 6.59 -4.02
C PRO A 218 -13.62 5.12 -4.32
N HIS A 219 -12.86 4.54 -5.23
CA HIS A 219 -13.02 3.11 -5.57
C HIS A 219 -11.65 2.46 -5.69
N TYR A 220 -11.35 1.54 -4.76
CA TYR A 220 -10.00 1.05 -4.59
C TYR A 220 -9.74 -0.26 -5.38
N GLY A 221 -10.20 -0.29 -6.63
CA GLY A 221 -9.98 -1.42 -7.52
C GLY A 221 -10.59 -1.06 -8.87
N VAL A 222 -10.65 -2.04 -9.76
CA VAL A 222 -11.29 -1.88 -11.05
C VAL A 222 -12.43 -2.89 -11.05
N ASP A 223 -13.62 -2.42 -11.43
CA ASP A 223 -14.76 -3.31 -11.61
C ASP A 223 -14.85 -3.67 -13.07
N TYR A 224 -14.74 -4.97 -13.34
CA TYR A 224 -14.77 -5.49 -14.70
C TYR A 224 -16.11 -6.15 -14.86
N ALA A 225 -16.97 -5.59 -15.71
CA ALA A 225 -18.25 -6.23 -16.01
C ALA A 225 -17.96 -7.48 -16.83
N ALA A 226 -18.47 -8.62 -16.37
CA ALA A 226 -18.30 -9.87 -17.07
C ALA A 226 -19.48 -10.77 -16.83
N LYS A 227 -19.62 -11.77 -17.66
CA LYS A 227 -20.66 -12.78 -17.52
C LYS A 227 -20.46 -13.62 -16.30
N HIS A 228 -21.57 -13.93 -15.64
CA HIS A 228 -21.54 -14.82 -14.51
C HIS A 228 -20.88 -16.13 -14.93
N GLY A 229 -19.93 -16.63 -14.13
CA GLY A 229 -19.21 -17.86 -14.49
C GLY A 229 -17.92 -17.66 -15.28
N SER A 230 -17.66 -16.44 -15.75
CA SER A 230 -16.43 -16.17 -16.50
C SER A 230 -15.18 -16.57 -15.69
N LEU A 231 -14.21 -17.19 -16.35
CA LEU A 231 -12.99 -17.59 -15.70
C LEU A 231 -12.16 -16.39 -15.24
N ILE A 232 -11.63 -16.50 -14.01
CA ILE A 232 -10.75 -15.50 -13.42
C ILE A 232 -9.38 -16.15 -13.27
N HIS A 233 -8.40 -15.46 -13.82
CA HIS A 233 -7.03 -15.91 -13.84
C HIS A 233 -6.17 -14.96 -13.02
N SER A 234 -5.21 -15.49 -12.29
CA SER A 234 -4.30 -14.64 -11.50
C SER A 234 -3.51 -13.70 -12.38
N ALA A 235 -3.49 -12.43 -12.03
CA ALA A 235 -2.75 -11.43 -12.79
C ALA A 235 -1.26 -11.54 -12.60
N SER A 236 -0.84 -12.36 -11.61
CA SER A 236 0.56 -12.50 -11.25
C SER A 236 0.84 -13.85 -10.59
N ASP A 237 2.13 -14.13 -10.43
CA ASP A 237 2.58 -15.15 -9.51
C ASP A 237 2.25 -14.67 -8.14
N GLY A 238 2.19 -15.60 -7.19
CA GLY A 238 2.15 -15.23 -5.79
C GLY A 238 1.65 -16.33 -4.90
N ARG A 239 1.29 -15.95 -3.68
CA ARG A 239 0.79 -16.90 -2.68
C ARG A 239 -0.55 -16.44 -2.13
N VAL A 240 -1.50 -17.36 -2.05
CA VAL A 240 -2.81 -17.04 -1.53
C VAL A 240 -2.71 -16.73 -0.05
N GLY A 241 -3.22 -15.57 0.36
CA GLY A 241 -3.24 -15.17 1.77
C GLY A 241 -4.58 -15.44 2.38
N PHE A 242 -5.62 -14.89 1.78
CA PHE A 242 -6.96 -15.11 2.24
C PHE A 242 -7.78 -15.65 1.09
N MET A 243 -8.76 -16.46 1.43
CA MET A 243 -9.64 -17.03 0.47
C MET A 243 -10.91 -17.39 1.23
N GLY A 244 -12.01 -16.71 0.93
CA GLY A 244 -13.26 -16.99 1.61
C GLY A 244 -14.23 -15.85 1.37
N VAL A 245 -15.12 -15.59 2.33
CA VAL A 245 -16.15 -14.59 2.13
C VAL A 245 -15.81 -13.37 2.98
N LYS A 246 -15.95 -12.18 2.40
CA LYS A 246 -15.85 -10.92 3.15
C LYS A 246 -17.06 -10.07 2.83
N ALA A 247 -17.79 -9.64 3.86
CA ALA A 247 -18.96 -8.84 3.63
C ALA A 247 -18.57 -7.69 2.73
N GLY A 248 -19.31 -7.49 1.63
CA GLY A 248 -19.06 -6.38 0.71
C GLY A 248 -18.27 -6.85 -0.50
N TYR A 249 -17.48 -7.91 -0.34
CA TYR A 249 -16.75 -8.51 -1.45
C TYR A 249 -17.35 -9.84 -1.90
N GLY A 250 -18.19 -10.44 -1.08
CA GLY A 250 -18.61 -11.82 -1.31
C GLY A 250 -17.43 -12.76 -1.23
N LYS A 251 -17.35 -13.71 -2.15
CA LYS A 251 -16.18 -14.60 -2.22
C LYS A 251 -14.99 -13.87 -2.82
N VAL A 252 -13.85 -14.01 -2.18
CA VAL A 252 -12.67 -13.27 -2.57
C VAL A 252 -11.40 -14.09 -2.33
N VAL A 253 -10.44 -13.90 -3.22
CA VAL A 253 -9.11 -14.48 -3.09
C VAL A 253 -8.15 -13.30 -3.05
N GLU A 254 -7.16 -13.42 -2.17
CA GLU A 254 -6.11 -12.43 -2.02
C GLU A 254 -4.81 -13.16 -2.20
N ILE A 255 -3.96 -12.59 -3.05
CA ILE A 255 -2.67 -13.15 -3.38
C ILE A 255 -1.59 -12.11 -3.11
N HIS A 256 -0.46 -12.57 -2.58
CA HIS A 256 0.66 -11.70 -2.25
C HIS A 256 1.88 -12.02 -3.10
N LEU A 257 2.56 -10.96 -3.51
CA LEU A 257 3.80 -11.08 -4.27
C LEU A 257 4.63 -9.85 -3.96
N ASN A 258 5.80 -10.08 -3.34
CA ASN A 258 6.66 -9.01 -2.89
C ASN A 258 5.83 -8.01 -2.08
N GLU A 259 5.84 -6.72 -2.42
CA GLU A 259 5.07 -5.73 -1.66
C GLU A 259 3.62 -5.55 -2.15
N LEU A 260 3.19 -6.41 -3.07
CA LEU A 260 1.81 -6.37 -3.55
C LEU A 260 0.86 -7.32 -2.87
N ARG A 261 -0.36 -6.84 -2.69
CA ARG A 261 -1.49 -7.67 -2.40
C ARG A 261 -2.55 -7.45 -3.49
N LEU A 262 -3.00 -8.55 -4.07
CA LEU A 262 -3.92 -8.53 -5.22
C LEU A 262 -5.24 -9.17 -4.79
N VAL A 263 -6.35 -8.47 -5.03
CA VAL A 263 -7.66 -8.87 -4.52
C VAL A 263 -8.61 -9.15 -5.68
N TYR A 264 -9.29 -10.28 -5.64
CA TYR A 264 -10.21 -10.70 -6.70
C TYR A 264 -11.53 -11.05 -6.05
N ALA A 265 -12.53 -10.17 -6.18
CA ALA A 265 -13.75 -10.29 -5.39
C ALA A 265 -15.01 -10.44 -6.24
N HIS A 266 -16.05 -10.90 -5.53
CA HIS A 266 -17.38 -11.20 -6.04
C HIS A 266 -17.42 -12.52 -6.81
N MET A 267 -16.61 -13.48 -6.44
CA MET A 267 -16.53 -14.72 -7.18
C MET A 267 -17.78 -15.57 -6.93
N SER A 268 -18.17 -16.39 -7.92
CA SER A 268 -19.23 -17.38 -7.72
C SER A 268 -18.61 -18.65 -7.20
N ALA A 269 -17.31 -18.85 -7.41
CA ALA A 269 -16.64 -20.08 -6.99
C ALA A 269 -15.13 -19.94 -7.06
N PHE A 270 -14.43 -20.68 -6.20
CA PHE A 270 -12.98 -20.75 -6.23
C PHE A 270 -12.57 -21.96 -7.06
N ALA A 271 -11.37 -21.94 -7.63
CA ALA A 271 -10.86 -23.10 -8.36
C ALA A 271 -10.66 -24.27 -7.40
N ASN A 272 -11.05 -25.46 -7.82
CA ASN A 272 -10.76 -26.68 -7.07
C ASN A 272 -9.32 -26.79 -6.56
N GLY A 273 -9.17 -27.03 -5.26
CA GLY A 273 -7.85 -27.27 -4.71
C GLY A 273 -7.06 -26.02 -4.36
N LEU A 274 -7.59 -24.85 -4.73
CA LEU A 274 -6.95 -23.62 -4.31
C LEU A 274 -7.16 -23.46 -2.80
N LYS A 275 -6.12 -23.11 -2.05
CA LYS A 275 -6.32 -22.79 -0.63
C LYS A 275 -5.31 -21.80 -0.10
N LYS A 276 -5.65 -21.24 1.05
CA LYS A 276 -4.71 -20.46 1.84
C LYS A 276 -3.32 -21.08 1.77
N GLY A 277 -2.32 -20.25 1.50
CA GLY A 277 -0.98 -20.76 1.30
C GLY A 277 -0.64 -21.35 -0.07
N SER A 278 -1.62 -21.57 -0.95
CA SER A 278 -1.31 -22.10 -2.28
C SER A 278 -0.40 -21.12 -3.01
N PHE A 279 0.63 -21.64 -3.68
CA PHE A 279 1.39 -20.84 -4.61
C PHE A 279 0.64 -20.87 -5.96
N VAL A 280 0.45 -19.69 -6.55
CA VAL A 280 -0.20 -19.56 -7.88
C VAL A 280 0.71 -18.95 -8.92
N LYS A 281 0.44 -19.25 -10.19
CA LYS A 281 1.22 -18.70 -11.27
C LYS A 281 0.38 -17.68 -12.01
N LYS A 282 1.06 -16.69 -12.57
CA LYS A 282 0.39 -15.77 -13.45
C LYS A 282 -0.34 -16.60 -14.52
N GLY A 283 -1.62 -16.31 -14.73
CA GLY A 283 -2.43 -16.98 -15.74
C GLY A 283 -3.21 -18.18 -15.24
N GLN A 284 -2.95 -18.58 -14.01
CA GLN A 284 -3.63 -19.73 -13.44
C GLN A 284 -5.06 -19.37 -13.10
N ILE A 285 -6.01 -20.27 -13.37
CA ILE A 285 -7.42 -20.05 -13.05
C ILE A 285 -7.57 -20.08 -11.52
N ILE A 286 -8.18 -19.06 -10.93
CA ILE A 286 -8.41 -19.03 -9.49
C ILE A 286 -9.89 -19.03 -9.10
N GLY A 287 -10.78 -19.00 -10.09
CA GLY A 287 -12.20 -19.01 -9.82
C GLY A 287 -13.05 -18.51 -10.98
N ARG A 288 -14.24 -18.05 -10.65
CA ARG A 288 -15.22 -17.66 -11.61
C ARG A 288 -15.96 -16.45 -11.11
N VAL A 289 -16.34 -15.58 -12.03
CA VAL A 289 -17.08 -14.38 -11.70
C VAL A 289 -18.44 -14.69 -11.10
N GLY A 290 -18.83 -13.91 -10.09
CA GLY A 290 -20.19 -13.98 -9.55
C GLY A 290 -20.76 -12.59 -9.38
N SER A 291 -21.81 -12.48 -8.58
CA SER A 291 -22.18 -11.19 -7.99
C SER A 291 -22.33 -11.27 -6.45
N THR A 292 -21.57 -12.18 -5.80
CA THR A 292 -21.62 -12.34 -4.32
C THR A 292 -21.22 -11.03 -3.65
N GLY A 297 -24.85 -6.14 -13.55
CA GLY A 297 -24.99 -7.34 -12.73
C GLY A 297 -23.66 -7.93 -12.26
N PRO A 298 -23.25 -9.08 -12.82
CA PRO A 298 -21.99 -9.69 -12.35
C PRO A 298 -20.75 -8.87 -12.74
N HIS A 299 -19.78 -8.81 -11.84
CA HIS A 299 -18.48 -8.20 -12.13
C HIS A 299 -17.39 -8.77 -11.24
N LEU A 300 -16.15 -8.64 -11.69
CA LEU A 300 -14.97 -8.93 -10.87
C LEU A 300 -14.49 -7.59 -10.33
N HIS A 301 -14.36 -7.47 -9.02
CA HIS A 301 -13.64 -6.35 -8.44
C HIS A 301 -12.18 -6.81 -8.31
N PHE A 302 -11.26 -6.10 -8.98
CA PHE A 302 -9.83 -6.40 -9.00
C PHE A 302 -9.08 -5.28 -8.31
N GLY A 303 -8.47 -5.61 -7.19
CA GLY A 303 -7.75 -4.62 -6.39
C GLY A 303 -6.26 -4.92 -6.27
N VAL A 304 -5.45 -3.86 -6.25
CA VAL A 304 -4.04 -3.98 -6.06
C VAL A 304 -3.60 -3.01 -4.98
N TYR A 305 -2.80 -3.52 -4.04
CA TYR A 305 -2.25 -2.77 -2.90
C TYR A 305 -0.73 -2.87 -2.92
N LYS A 306 -0.05 -1.73 -2.99
CA LYS A 306 1.41 -1.68 -2.90
C LYS A 306 1.78 -1.13 -1.52
N ASN A 307 2.47 -1.93 -0.71
CA ASN A 307 2.91 -1.49 0.62
C ASN A 307 1.72 -1.04 1.47
N SER A 308 0.62 -1.77 1.31
CA SER A 308 -0.63 -1.60 2.03
C SER A 308 -1.56 -0.54 1.44
N ARG A 309 -1.10 0.25 0.48
CA ARG A 309 -1.89 1.32 -0.08
C ARG A 309 -2.50 0.92 -1.44
N PRO A 310 -3.79 1.16 -1.63
CA PRO A 310 -4.41 0.86 -2.92
C PRO A 310 -3.77 1.67 -4.03
N ILE A 311 -3.59 1.03 -5.18
CA ILE A 311 -2.95 1.63 -6.33
C ILE A 311 -3.75 1.18 -7.57
N ASN A 312 -3.83 2.04 -8.57
CA ASN A 312 -4.57 1.75 -9.78
C ASN A 312 -3.98 0.51 -10.50
N PRO A 313 -4.75 -0.58 -10.59
CA PRO A 313 -4.21 -1.82 -11.18
C PRO A 313 -3.80 -1.60 -12.64
N LEU A 314 -4.54 -0.74 -13.34
CA LEU A 314 -4.31 -0.49 -14.74
C LEU A 314 -2.92 0.06 -15.01
N GLY A 315 -2.37 0.82 -14.07
CA GLY A 315 -0.99 1.28 -14.18
C GLY A 315 0.03 0.19 -14.33
N TYR A 316 -0.27 -1.03 -13.90
CA TYR A 316 0.67 -2.14 -13.99
C TYR A 316 0.32 -3.14 -15.07
N ILE A 317 -0.81 -2.94 -15.74
CA ILE A 317 -1.13 -3.83 -16.86
C ILE A 317 -0.53 -3.24 -18.12
N ARG A 318 0.54 -3.85 -18.58
CA ARG A 318 1.36 -3.33 -19.66
C ARG A 318 2.26 -4.46 -20.05
N THR A 319 2.96 -4.32 -21.17
CA THR A 319 3.87 -5.37 -21.61
C THR A 319 5.32 -4.99 -21.41
N ALA A 320 5.57 -3.70 -21.40
CA ALA A 320 6.89 -3.18 -21.13
C ALA A 320 6.87 -2.32 -19.90
N LYS A 321 8.07 -2.12 -19.38
CA LYS A 321 8.44 -1.10 -18.41
C LYS A 321 7.99 0.31 -18.82
N SER A 322 7.46 1.05 -17.86
CA SER A 322 7.05 2.40 -18.07
C SER A 322 8.25 3.34 -18.04
N LYS A 323 8.03 4.53 -18.57
CA LYS A 323 8.95 5.64 -18.48
C LYS A 323 8.10 6.84 -18.31
N LEU A 324 8.66 7.88 -17.71
CA LEU A 324 7.97 9.14 -17.59
C LEU A 324 8.15 9.92 -18.87
N HIS A 325 7.18 10.77 -19.19
CA HIS A 325 7.21 11.60 -20.38
C HIS A 325 6.77 13.03 -20.13
N GLY A 326 6.97 13.86 -21.15
CA GLY A 326 6.47 15.23 -21.15
C GLY A 326 7.02 16.04 -20.00
N LYS A 327 6.16 16.87 -19.43
CA LYS A 327 6.53 17.71 -18.32
C LYS A 327 6.77 16.88 -17.04
N GLN A 328 6.07 15.75 -16.88
CA GLN A 328 6.34 14.84 -15.77
C GLN A 328 7.80 14.37 -15.76
N ARG A 329 8.33 14.10 -16.94
CA ARG A 329 9.71 13.66 -17.07
C ARG A 329 10.71 14.76 -16.71
N GLU A 330 10.48 15.97 -17.26
CA GLU A 330 11.32 17.14 -16.96
C GLU A 330 11.38 17.42 -15.47
N VAL A 331 10.23 17.47 -14.82
CA VAL A 331 10.15 17.79 -13.39
C VAL A 331 10.83 16.71 -12.55
N PHE A 332 10.68 15.47 -12.98
CA PHE A 332 11.25 14.33 -12.27
C PHE A 332 12.76 14.41 -12.29
N LEU A 333 13.30 14.56 -13.50
CA LEU A 333 14.73 14.60 -13.69
C LEU A 333 15.38 15.78 -12.93
N GLU A 334 14.67 16.91 -12.89
CA GLU A 334 15.17 18.06 -12.17
C GLU A 334 15.26 17.67 -10.68
N LYS A 335 14.18 17.14 -10.13
CA LYS A 335 14.20 16.75 -8.72
C LYS A 335 15.25 15.68 -8.45
N ALA A 336 15.36 14.71 -9.36
CA ALA A 336 16.35 13.66 -9.18
C ALA A 336 17.77 14.21 -9.12
N GLN A 337 18.12 15.13 -10.01
CA GLN A 337 19.43 15.75 -9.97
C GLN A 337 19.69 16.48 -8.65
N ARG A 338 18.75 17.33 -8.27
CA ARG A 338 18.84 18.06 -7.00
C ARG A 338 18.99 17.09 -5.83
N SER A 339 18.20 16.01 -5.84
CA SER A 339 18.29 14.99 -4.80
C SER A 339 19.65 14.31 -4.72
N LYS A 340 20.18 13.91 -5.88
CA LYS A 340 21.50 13.29 -5.96
C LYS A 340 22.61 14.20 -5.43
N GLN A 341 22.54 15.47 -5.80
CA GLN A 341 23.52 16.47 -5.34
C GLN A 341 23.44 16.62 -3.84
N LYS A 342 22.21 16.72 -3.34
CA LYS A 342 22.02 16.87 -1.90
C LYS A 342 22.49 15.63 -1.15
N LEU A 343 22.19 14.43 -1.65
CA LEU A 343 22.66 13.22 -0.98
C LEU A 343 24.20 13.21 -0.85
N GLU A 344 24.90 13.57 -1.92
CA GLU A 344 26.38 13.62 -1.87
C GLU A 344 26.88 14.55 -0.79
N GLU A 345 26.27 15.74 -0.72
CA GLU A 345 26.61 16.71 0.29
C GLU A 345 26.38 16.19 1.70
N LEU A 346 25.29 15.44 1.90
CA LEU A 346 24.98 14.86 3.21
C LEU A 346 25.96 13.77 3.58
N LEU A 347 26.36 12.97 2.59
CA LEU A 347 27.37 11.93 2.81
C LEU A 347 28.71 12.59 3.15
N LYS A 348 29.01 13.72 2.55
CA LYS A 348 30.28 14.39 2.86
C LYS A 348 30.30 14.91 4.29
N THR A 349 29.12 15.26 4.80
CA THR A 349 29.05 15.95 6.08
C THR A 349 28.62 15.08 7.24
N HIS A 350 28.50 13.76 7.02
CA HIS A 350 28.24 12.81 8.09
C HIS A 350 29.17 11.63 7.94
N SER A 351 30.18 11.58 8.80
CA SER A 351 31.27 10.62 8.72
C SER A 351 30.96 9.23 9.25
N PHE A 352 31.18 8.24 8.41
CA PHE A 352 31.08 6.86 8.86
C PHE A 352 32.28 6.39 9.70
N GLU A 353 33.26 7.26 9.94
CA GLU A 353 34.31 6.96 10.93
C GLU A 353 33.74 7.11 12.32
N LYS A 354 32.94 8.15 12.52
CA LYS A 354 32.26 8.40 13.80
C LYS A 354 31.14 7.39 14.09
N ASN A 355 30.35 7.04 13.08
CA ASN A 355 29.15 6.21 13.27
C ASN A 355 28.84 5.36 12.05
N SER A 356 28.30 4.17 12.27
CA SER A 356 27.88 3.29 11.16
C SER A 356 26.60 3.77 10.44
N PHE A 357 25.79 4.58 11.11
CA PHE A 357 24.58 5.10 10.50
C PHE A 357 24.21 6.47 11.03
N TYR A 358 23.38 7.18 10.26
CA TYR A 358 22.78 8.46 10.64
C TYR A 358 21.31 8.43 10.24
N LEU A 359 20.44 8.83 11.15
CA LEU A 359 19.03 9.01 10.85
C LEU A 359 18.74 10.47 11.07
N LEU A 360 18.57 11.17 9.97
CA LEU A 360 18.55 12.62 9.93
C LEU A 360 17.17 13.13 9.67
N GLU A 361 16.91 14.28 10.27
CA GLU A 361 15.63 14.95 10.11
C GLU A 361 15.61 15.63 8.77
N GLY A 362 14.64 15.33 7.96
CA GLY A 362 14.44 15.99 6.74
C GLY A 362 15.52 15.64 5.74
N PHE A 363 15.46 16.18 4.56
CA PHE A 363 16.41 15.85 3.54
C PHE A 363 17.01 17.07 2.78
N LEU A 364 16.21 17.76 2.01
CA LEU A 364 16.72 18.86 1.21
C LEU A 364 17.09 20.03 2.10
N GLU A 365 16.41 20.17 3.22
CA GLU A 365 16.63 21.30 4.13
C GLU A 365 17.66 20.94 5.18
N HIS A 366 18.17 19.72 5.16
CA HIS A 366 19.08 19.31 6.20
C HIS A 366 20.47 19.91 5.96
N HIS A 367 20.94 20.70 6.90
CA HIS A 367 22.29 21.28 6.85
C HIS A 367 22.70 21.76 8.24
N HIS A 368 24.01 21.98 8.44
CA HIS A 368 24.53 22.37 9.75
C HIS A 368 25.02 23.81 9.78
N HIS A 369 25.26 24.32 10.99
CA HIS A 369 25.85 25.65 11.18
C HIS A 369 27.00 25.55 12.18
ZN ZN B . -15.09 -2.42 -7.12
NI NI C . 23.27 16.54 9.93
NI NI D . 20.61 27.25 7.98
P PO4 E . 22.38 16.27 13.05
O1 PO4 E . 22.52 15.53 11.74
O2 PO4 E . 21.42 15.52 13.95
O3 PO4 E . 21.85 17.66 12.79
O4 PO4 E . 23.73 16.37 13.72
P PO4 F . 22.67 29.15 6.17
O1 PO4 F . 22.64 28.75 4.71
O2 PO4 F . 23.32 30.51 6.31
O3 PO4 F . 23.44 28.13 6.96
O4 PO4 F . 21.25 29.23 6.69
P PO4 G . 9.18 9.62 15.33
O1 PO4 G . 8.68 8.58 14.33
O2 PO4 G . 9.88 8.88 16.44
O3 PO4 G . 8.04 10.44 15.91
O4 PO4 G . 10.13 10.62 14.73
C1 GOL H . -6.33 14.36 13.88
O1 GOL H . -5.66 15.06 12.83
C2 GOL H . -6.97 13.02 13.49
O2 GOL H . -6.29 12.35 12.42
C3 GOL H . -7.17 12.22 14.77
O3 GOL H . -7.49 10.84 14.54
C1 GOL I . 8.43 5.11 14.67
O1 GOL I . 7.62 6.30 14.65
C2 GOL I . 7.96 4.13 13.58
O2 GOL I . 6.67 3.62 13.94
C3 GOL I . 8.92 2.95 13.36
O3 GOL I . 9.80 2.72 14.47
C1 GOL J . 5.43 1.90 11.56
O1 GOL J . 4.63 1.47 12.67
C2 GOL J . 4.55 2.49 10.42
O2 GOL J . 3.26 2.92 10.86
C3 GOL J . 5.37 3.61 9.81
O3 GOL J . 4.74 4.39 8.79
#